data_6I2M
#
_entry.id   6I2M
#
_cell.length_a   198.820
_cell.length_b   42.520
_cell.length_c   148.770
_cell.angle_alpha   90.00
_cell.angle_beta   128.41
_cell.angle_gamma   90.00
#
_symmetry.space_group_name_H-M   'C 1 2 1'
#
loop_
_entity.id
_entity.type
_entity.pdbx_description
1 polymer 'Kelch repeat and BTB domain-containing protein A55'
2 polymer Cullin-3
#
loop_
_entity_poly.entity_id
_entity_poly.type
_entity_poly.pdbx_seq_one_letter_code
_entity_poly.pdbx_strand_id
1 'polypeptide(L)'
;MNNSSELIAVINGFRNSGRFCDISIVINDERINAHKLILSGASEYFSILFSNNFIDSNEYEVNLSHLDYQSVNDLIDYIY
GIPLSLTNDNVKYILSTADFLQIGSAITECENYILKNLCSKNCIDFYIYADKYNNKKIESASFNTILQNILRLINDENFK
YLTEESMIKILSDDMLNIKNEDFAPLILIKWLESTQQSCTVELLRCLRISLLSPQVIKSLYSHQLVSSIYECITFLNNIA
FLDESFPRYHGSKHHHHHH
;
A
2 'polypeptide(L)'
;MTMDEKYVNSIWDLLKNAIQEIQRKNNSGLSFEELYRNAYTMVLHKHGEKLYTGLREVVTEHLINKVREDVLNSLNNNFL
QTLNQAWNDHQTAMVMIRDILMYMDRVYVQQNNVENVYNLGLIIFRDQVVRYGCIRDHLRQTLLDMIARERKGEVVDRGA
IRNACQMLMILGLEGRSVYEEDFEAPFLEMSAEFFQMESQKFLAENSASVYIKKVEARINEEIERVMHCLDKSTEEPIVK
VVERELISKHMKTIVEMENSGLVHMLKNGKTEDLGCMYKLFSRVPNGLKTMCECMSSYLREQGKALVSEEGEGKNPVDYR
QGLDDLKSRFDRFLLESFNNDRLFKQTIAGDFEYFLNLNSRSPEYLAENLYFQSHHHHHHDYKDDDDK
;
B
#
# COMPACT_ATOMS: atom_id res chain seq x y z
N MET A 1 31.49 -7.51 -7.05
CA MET A 1 31.37 -8.73 -6.27
C MET A 1 30.53 -8.55 -5.00
N ASN A 2 29.92 -9.65 -4.51
CA ASN A 2 29.13 -9.65 -3.28
C ASN A 2 29.95 -10.25 -2.14
N ASN A 3 30.14 -9.46 -1.07
CA ASN A 3 30.93 -9.85 0.09
C ASN A 3 30.07 -9.98 1.36
N SER A 4 28.77 -10.28 1.17
CA SER A 4 27.80 -10.45 2.25
C SER A 4 28.10 -11.71 3.07
N SER A 5 28.51 -12.80 2.38
CA SER A 5 28.85 -14.10 2.98
C SER A 5 30.19 -14.02 3.75
N GLU A 6 31.10 -13.14 3.30
CA GLU A 6 32.41 -12.93 3.94
C GLU A 6 32.24 -12.11 5.22
N LEU A 7 31.38 -11.07 5.18
CA LEU A 7 31.09 -10.17 6.30
C LEU A 7 30.45 -10.89 7.49
N ILE A 8 29.44 -11.75 7.23
CA ILE A 8 28.71 -12.52 8.25
C ILE A 8 29.64 -13.53 8.96
N ALA A 9 30.67 -14.04 8.25
CA ALA A 9 31.65 -14.98 8.79
C ALA A 9 32.55 -14.31 9.83
N VAL A 10 32.87 -13.02 9.65
CA VAL A 10 33.68 -12.21 10.57
C VAL A 10 32.84 -11.86 11.81
N ILE A 11 31.52 -11.56 11.60
CA ILE A 11 30.55 -11.25 12.65
C ILE A 11 30.34 -12.49 13.54
N ASN A 12 30.26 -13.69 12.92
CA ASN A 12 30.12 -14.98 13.62
C ASN A 12 31.42 -15.29 14.39
N GLY A 13 32.55 -14.81 13.88
CA GLY A 13 33.86 -14.94 14.50
C GLY A 13 33.97 -14.07 15.74
N PHE A 14 33.32 -12.88 15.70
CA PHE A 14 33.25 -11.93 16.80
C PHE A 14 32.30 -12.47 17.89
N ARG A 15 31.23 -13.17 17.47
CA ARG A 15 30.22 -13.78 18.32
C ARG A 15 30.83 -14.87 19.22
N ASN A 16 31.71 -15.71 18.65
CA ASN A 16 32.41 -16.79 19.35
C ASN A 16 33.47 -16.22 20.30
N SER A 17 34.12 -15.12 19.89
CA SER A 17 35.15 -14.40 20.64
C SER A 17 34.55 -13.63 21.82
N GLY A 18 33.31 -13.16 21.66
CA GLY A 18 32.58 -12.39 22.66
C GLY A 18 32.61 -10.90 22.39
N ARG A 19 33.11 -10.52 21.19
CA ARG A 19 33.23 -9.14 20.72
C ARG A 19 31.89 -8.55 20.28
N PHE A 20 31.62 -7.30 20.71
CA PHE A 20 30.42 -6.50 20.40
C PHE A 20 29.09 -7.10 20.91
N CYS A 21 29.14 -8.25 21.61
CA CYS A 21 27.96 -8.94 22.15
C CYS A 21 27.25 -8.10 23.21
N ASP A 22 26.04 -7.64 22.88
CA ASP A 22 25.23 -6.79 23.75
C ASP A 22 23.90 -7.43 24.20
N ILE A 23 23.75 -8.75 23.97
CA ILE A 23 22.55 -9.50 24.36
C ILE A 23 22.88 -10.97 24.68
N SER A 24 22.15 -11.55 25.65
CA SER A 24 22.28 -12.94 26.10
C SER A 24 20.90 -13.61 26.20
N ILE A 25 20.78 -14.83 25.64
CA ILE A 25 19.55 -15.61 25.66
C ILE A 25 19.69 -16.74 26.68
N VAL A 26 18.77 -16.78 27.66
CA VAL A 26 18.75 -17.76 28.75
C VAL A 26 17.62 -18.77 28.59
N ILE A 27 17.99 -20.06 28.48
CA ILE A 27 17.08 -21.21 28.37
C ILE A 27 17.43 -22.13 29.55
N ASN A 28 16.65 -22.03 30.64
CA ASN A 28 16.79 -22.77 31.90
C ASN A 28 18.13 -22.50 32.59
N ASP A 29 19.23 -23.16 32.14
CA ASP A 29 20.58 -23.01 32.70
C ASP A 29 21.65 -22.70 31.63
N GLU A 30 21.25 -22.75 30.35
CA GLU A 30 22.12 -22.51 29.19
C GLU A 30 22.09 -21.03 28.76
N ARG A 31 23.24 -20.51 28.28
CA ARG A 31 23.40 -19.13 27.83
C ARG A 31 24.01 -19.02 26.43
N ILE A 32 23.40 -18.19 25.56
CA ILE A 32 23.87 -17.92 24.20
C ILE A 32 24.08 -16.42 24.03
N ASN A 33 25.32 -15.99 23.74
CA ASN A 33 25.68 -14.59 23.53
C ASN A 33 25.64 -14.22 22.05
N ALA A 34 24.92 -13.13 21.73
CA ALA A 34 24.76 -12.64 20.36
C ALA A 34 24.69 -11.10 20.30
N HIS A 35 24.36 -10.56 19.11
CA HIS A 35 24.23 -9.12 18.87
C HIS A 35 22.76 -8.76 18.62
N LYS A 36 22.29 -7.66 19.23
CA LYS A 36 20.91 -7.16 19.13
C LYS A 36 20.47 -6.89 17.69
N LEU A 37 21.35 -6.28 16.88
CA LEU A 37 21.14 -5.92 15.49
C LEU A 37 20.95 -7.13 14.57
N ILE A 38 21.81 -8.16 14.72
CA ILE A 38 21.81 -9.40 13.94
C ILE A 38 20.51 -10.20 14.15
N LEU A 39 20.09 -10.38 15.42
CA LEU A 39 18.87 -11.11 15.77
C LEU A 39 17.60 -10.39 15.29
N SER A 40 17.62 -9.05 15.25
CA SER A 40 16.50 -8.22 14.81
C SER A 40 16.31 -8.21 13.28
N GLY A 41 17.40 -8.46 12.55
CA GLY A 41 17.41 -8.50 11.09
C GLY A 41 16.71 -9.70 10.49
N ALA A 42 16.90 -10.89 11.08
CA ALA A 42 16.30 -12.15 10.61
C ALA A 42 15.00 -12.49 11.33
N SER A 43 14.99 -12.36 12.67
CA SER A 43 13.82 -12.64 13.51
C SER A 43 13.10 -11.33 13.83
N GLU A 44 11.80 -11.26 13.53
CA GLU A 44 10.99 -10.06 13.79
C GLU A 44 10.57 -9.94 15.26
N TYR A 45 10.71 -11.03 16.05
CA TYR A 45 10.40 -11.05 17.49
C TYR A 45 11.37 -10.10 18.21
N PHE A 46 12.69 -10.25 17.94
CA PHE A 46 13.74 -9.42 18.51
C PHE A 46 13.65 -7.98 18.00
N SER A 47 13.19 -7.79 16.75
CA SER A 47 13.01 -6.47 16.12
C SER A 47 11.94 -5.66 16.88
N ILE A 48 10.84 -6.32 17.26
CA ILE A 48 9.76 -5.69 18.02
C ILE A 48 10.17 -5.58 19.51
N LEU A 49 11.00 -6.54 19.98
CA LEU A 49 11.52 -6.54 21.36
C LEU A 49 12.44 -5.34 21.59
N PHE A 50 13.45 -5.14 20.73
CA PHE A 50 14.40 -4.04 20.83
C PHE A 50 13.98 -2.84 19.95
N SER A 51 12.74 -2.35 20.16
CA SER A 51 12.16 -1.25 19.40
C SER A 51 12.05 0.07 20.19
N ASN A 52 12.47 0.06 21.48
CA ASN A 52 12.46 1.18 22.43
C ASN A 52 11.03 1.68 22.73
N ASN A 53 10.03 0.77 22.68
CA ASN A 53 8.61 1.06 22.90
C ASN A 53 8.04 0.31 24.12
N PHE A 54 8.80 -0.63 24.69
CA PHE A 54 8.39 -1.46 25.83
C PHE A 54 9.43 -1.47 26.97
N ILE A 55 9.06 -2.06 28.14
CA ILE A 55 9.95 -2.17 29.31
C ILE A 55 11.10 -3.15 29.07
N ASP A 56 10.86 -4.19 28.25
CA ASP A 56 11.83 -5.24 27.92
C ASP A 56 12.79 -4.83 26.79
N SER A 57 12.60 -3.64 26.19
CA SER A 57 13.42 -3.14 25.09
C SER A 57 14.88 -2.87 25.44
N ASN A 58 15.12 -2.24 26.60
CA ASN A 58 16.47 -1.90 27.05
C ASN A 58 16.97 -2.88 28.13
N GLU A 59 17.33 -4.10 27.70
CA GLU A 59 17.84 -5.16 28.58
C GLU A 59 18.98 -5.96 27.93
N TYR A 60 19.81 -6.60 28.76
CA TYR A 60 20.96 -7.42 28.33
C TYR A 60 20.62 -8.92 28.32
N GLU A 61 19.58 -9.33 29.08
CA GLU A 61 19.16 -10.72 29.21
C GLU A 61 17.71 -10.99 28.76
N VAL A 62 17.51 -12.04 27.93
CA VAL A 62 16.20 -12.46 27.41
C VAL A 62 15.97 -13.92 27.84
N ASN A 63 14.86 -14.18 28.55
CA ASN A 63 14.52 -15.52 29.04
C ASN A 63 13.52 -16.24 28.13
N LEU A 64 13.98 -17.29 27.44
CA LEU A 64 13.17 -18.11 26.53
C LEU A 64 13.24 -19.60 26.93
N SER A 65 13.01 -19.89 28.23
CA SER A 65 13.05 -21.22 28.82
C SER A 65 11.94 -22.17 28.34
N HIS A 66 10.84 -21.62 27.80
CA HIS A 66 9.69 -22.40 27.29
C HIS A 66 9.96 -23.03 25.91
N LEU A 67 11.11 -22.70 25.28
CA LEU A 67 11.53 -23.21 23.97
C LEU A 67 12.72 -24.18 24.11
N ASP A 68 12.91 -25.08 23.12
CA ASP A 68 13.99 -26.07 23.09
C ASP A 68 15.35 -25.38 22.84
N TYR A 69 16.36 -25.68 23.69
CA TYR A 69 17.71 -25.10 23.63
C TYR A 69 18.44 -25.36 22.30
N GLN A 70 18.59 -26.65 21.90
CA GLN A 70 19.27 -27.04 20.66
C GLN A 70 18.60 -26.43 19.42
N SER A 71 17.28 -26.22 19.49
CA SER A 71 16.48 -25.60 18.44
C SER A 71 16.85 -24.10 18.33
N VAL A 72 16.81 -23.36 19.47
CA VAL A 72 17.15 -21.93 19.56
C VAL A 72 18.61 -21.70 19.12
N ASN A 73 19.56 -22.51 19.64
CA ASN A 73 20.99 -22.45 19.32
C ASN A 73 21.28 -22.59 17.82
N ASP A 74 20.66 -23.59 17.17
CA ASP A 74 20.82 -23.83 15.73
C ASP A 74 20.16 -22.76 14.88
N LEU A 75 19.07 -22.15 15.40
CA LEU A 75 18.35 -21.06 14.72
C LEU A 75 19.20 -19.79 14.73
N ILE A 76 19.94 -19.53 15.83
CA ILE A 76 20.86 -18.39 15.94
C ILE A 76 22.03 -18.64 14.97
N ASP A 77 22.50 -19.90 14.87
CA ASP A 77 23.56 -20.32 13.94
C ASP A 77 23.10 -20.12 12.49
N TYR A 78 21.78 -20.29 12.24
CA TYR A 78 21.15 -20.08 10.93
C TYR A 78 21.08 -18.59 10.61
N ILE A 79 20.86 -17.72 11.64
CA ILE A 79 20.82 -16.25 11.51
C ILE A 79 22.24 -15.80 11.10
N TYR A 80 23.28 -16.48 11.64
CA TYR A 80 24.69 -16.25 11.32
C TYR A 80 25.09 -17.09 10.08
N GLY A 81 26.39 -17.15 9.78
CA GLY A 81 26.91 -17.84 8.59
C GLY A 81 26.92 -19.36 8.57
N ILE A 82 26.16 -20.03 9.46
CA ILE A 82 26.12 -21.50 9.54
C ILE A 82 24.81 -22.06 8.90
N PRO A 83 24.89 -22.98 7.90
CA PRO A 83 23.66 -23.52 7.31
C PRO A 83 22.99 -24.56 8.23
N LEU A 84 21.64 -24.62 8.18
CA LEU A 84 20.85 -25.52 9.01
C LEU A 84 20.95 -26.99 8.58
N SER A 85 21.47 -27.85 9.48
CA SER A 85 21.62 -29.29 9.25
C SER A 85 20.31 -30.00 9.60
N LEU A 86 19.33 -29.90 8.68
CA LEU A 86 17.98 -30.44 8.81
C LEU A 86 17.93 -31.97 8.77
N THR A 87 17.26 -32.57 9.77
CA THR A 87 17.02 -34.02 9.91
C THR A 87 15.57 -34.25 10.37
N ASN A 88 14.94 -35.35 9.92
CA ASN A 88 13.55 -35.75 10.22
C ASN A 88 13.14 -35.65 11.71
N ASP A 89 14.09 -35.84 12.64
CA ASP A 89 13.82 -35.80 14.08
C ASP A 89 13.81 -34.39 14.70
N ASN A 90 14.73 -33.49 14.26
CA ASN A 90 14.81 -32.14 14.83
C ASN A 90 13.93 -31.08 14.13
N VAL A 91 13.58 -31.28 12.84
CA VAL A 91 12.77 -30.35 12.03
C VAL A 91 11.40 -30.03 12.65
N LYS A 92 10.84 -30.98 13.41
CA LYS A 92 9.56 -30.87 14.12
C LYS A 92 9.65 -29.76 15.18
N TYR A 93 10.78 -29.68 15.90
CA TYR A 93 11.01 -28.72 16.97
C TYR A 93 11.59 -27.39 16.48
N ILE A 94 12.37 -27.40 15.37
CA ILE A 94 12.98 -26.19 14.79
C ILE A 94 11.88 -25.29 14.16
N LEU A 95 10.87 -25.91 13.51
CA LEU A 95 9.75 -25.18 12.91
C LEU A 95 8.88 -24.46 13.95
N SER A 96 8.60 -25.12 15.10
CA SER A 96 7.80 -24.58 16.21
C SER A 96 8.41 -23.32 16.81
N THR A 97 9.74 -23.35 17.04
CA THR A 97 10.51 -22.24 17.59
C THR A 97 10.64 -21.11 16.58
N ALA A 98 10.84 -21.46 15.28
CA ALA A 98 10.93 -20.50 14.17
C ALA A 98 9.61 -19.78 13.94
N ASP A 99 8.47 -20.47 14.23
CA ASP A 99 7.13 -19.92 14.09
C ASP A 99 6.84 -18.90 15.20
N PHE A 100 7.33 -19.17 16.43
CA PHE A 100 7.18 -18.30 17.60
C PHE A 100 8.02 -17.02 17.41
N LEU A 101 9.32 -17.20 17.10
CA LEU A 101 10.27 -16.10 16.89
C LEU A 101 10.04 -15.36 15.55
N GLN A 102 9.19 -15.93 14.67
CA GLN A 102 8.78 -15.41 13.37
C GLN A 102 9.95 -15.07 12.43
N ILE A 103 10.81 -16.07 12.18
CA ILE A 103 11.94 -15.97 11.25
C ILE A 103 11.50 -16.57 9.90
N GLY A 104 11.31 -15.71 8.91
CA GLY A 104 10.85 -16.08 7.57
C GLY A 104 11.78 -16.98 6.80
N SER A 105 13.11 -16.76 6.97
CA SER A 105 14.19 -17.51 6.32
C SER A 105 14.25 -18.96 6.79
N ALA A 106 13.93 -19.20 8.07
CA ALA A 106 13.95 -20.54 8.68
C ALA A 106 12.61 -21.28 8.60
N ILE A 107 11.47 -20.54 8.63
CA ILE A 107 10.14 -21.13 8.54
C ILE A 107 9.91 -21.76 7.16
N THR A 108 10.47 -21.15 6.09
CA THR A 108 10.37 -21.64 4.71
C THR A 108 11.25 -22.88 4.49
N GLU A 109 12.54 -22.83 4.95
CA GLU A 109 13.50 -23.92 4.83
C GLU A 109 13.03 -25.19 5.55
N CYS A 110 12.35 -25.04 6.71
CA CYS A 110 11.82 -26.16 7.48
C CYS A 110 10.58 -26.76 6.82
N GLU A 111 9.63 -25.91 6.37
CA GLU A 111 8.40 -26.33 5.68
C GLU A 111 8.71 -27.06 4.38
N ASN A 112 9.67 -26.55 3.58
CA ASN A 112 10.11 -27.15 2.32
C ASN A 112 10.74 -28.53 2.53
N TYR A 113 11.49 -28.72 3.63
CA TYR A 113 12.12 -29.99 3.99
C TYR A 113 11.06 -31.03 4.40
N ILE A 114 10.04 -30.60 5.18
CA ILE A 114 8.93 -31.44 5.65
C ILE A 114 8.07 -31.91 4.47
N LEU A 115 7.71 -30.99 3.55
CA LEU A 115 6.90 -31.28 2.35
C LEU A 115 7.63 -32.21 1.36
N LYS A 116 8.96 -32.04 1.23
CA LYS A 116 9.83 -32.84 0.34
C LYS A 116 10.00 -34.26 0.88
N ASN A 117 10.32 -34.39 2.18
CA ASN A 117 10.56 -35.68 2.85
C ASN A 117 9.30 -36.26 3.53
N LEU A 118 8.09 -35.88 3.06
CA LEU A 118 6.83 -36.37 3.61
C LEU A 118 6.52 -37.79 3.13
N CYS A 119 7.12 -38.78 3.83
CA CYS A 119 6.97 -40.21 3.55
C CYS A 119 5.74 -40.78 4.27
N SER A 120 5.45 -42.08 4.05
CA SER A 120 4.33 -42.78 4.70
C SER A 120 4.58 -42.94 6.21
N LYS A 121 5.86 -43.14 6.60
CA LYS A 121 6.29 -43.29 7.99
C LYS A 121 6.35 -41.94 8.74
N ASN A 122 6.38 -40.82 8.00
CA ASN A 122 6.47 -39.46 8.56
C ASN A 122 5.12 -38.75 8.69
N CYS A 123 4.29 -38.78 7.62
CA CYS A 123 2.97 -38.13 7.50
C CYS A 123 2.06 -38.33 8.71
N ILE A 124 2.05 -39.56 9.27
CA ILE A 124 1.25 -39.95 10.42
C ILE A 124 1.60 -39.11 11.68
N ASP A 125 2.89 -38.75 11.84
CA ASP A 125 3.41 -37.94 12.95
C ASP A 125 3.25 -36.43 12.70
N PHE A 126 3.47 -35.99 11.43
CA PHE A 126 3.38 -34.57 11.05
C PHE A 126 1.95 -34.01 11.05
N TYR A 127 0.92 -34.88 10.98
CA TYR A 127 -0.48 -34.45 11.01
C TYR A 127 -0.90 -34.01 12.41
N ILE A 128 -0.61 -34.84 13.44
CA ILE A 128 -0.90 -34.58 14.86
C ILE A 128 -0.15 -33.32 15.32
N TYR A 129 1.07 -33.11 14.76
CA TYR A 129 1.93 -31.96 15.02
C TYR A 129 1.29 -30.66 14.50
N ALA A 130 0.88 -30.66 13.22
CA ALA A 130 0.25 -29.51 12.56
C ALA A 130 -1.15 -29.20 13.11
N ASP A 131 -1.82 -30.21 13.71
CA ASP A 131 -3.15 -30.08 14.33
C ASP A 131 -3.03 -29.36 15.68
N LYS A 132 -1.85 -29.44 16.33
CA LYS A 132 -1.57 -28.81 17.61
C LYS A 132 -1.00 -27.39 17.42
N TYR A 133 -0.15 -27.20 16.39
CA TYR A 133 0.52 -25.92 16.10
C TYR A 133 -0.19 -25.08 15.01
N ASN A 134 -1.46 -25.42 14.69
CA ASN A 134 -2.35 -24.75 13.73
C ASN A 134 -1.70 -24.42 12.37
N ASN A 135 -0.87 -25.35 11.84
CA ASN A 135 -0.20 -25.19 10.55
C ASN A 135 -1.02 -25.89 9.47
N LYS A 136 -2.02 -25.17 8.91
CA LYS A 136 -2.95 -25.65 7.89
C LYS A 136 -2.28 -26.11 6.57
N LYS A 137 -1.08 -25.59 6.28
CA LYS A 137 -0.29 -25.92 5.09
C LYS A 137 0.18 -27.38 5.16
N ILE A 138 0.84 -27.76 6.27
CA ILE A 138 1.34 -29.12 6.50
C ILE A 138 0.18 -30.05 6.92
N GLU A 139 -0.83 -29.51 7.64
CA GLU A 139 -2.02 -30.26 8.08
C GLU A 139 -2.80 -30.88 6.93
N SER A 140 -2.92 -30.15 5.80
CA SER A 140 -3.60 -30.60 4.58
C SER A 140 -2.74 -31.61 3.82
N ALA A 141 -1.41 -31.35 3.73
CA ALA A 141 -0.44 -32.18 3.01
C ALA A 141 -0.22 -33.55 3.69
N SER A 142 -0.14 -33.57 5.03
CA SER A 142 0.04 -34.79 5.82
C SER A 142 -1.23 -35.63 5.77
N PHE A 143 -2.40 -34.97 5.71
CA PHE A 143 -3.72 -35.59 5.61
C PHE A 143 -3.84 -36.33 4.27
N ASN A 144 -3.39 -35.69 3.17
CA ASN A 144 -3.39 -36.26 1.82
C ASN A 144 -2.45 -37.47 1.71
N THR A 145 -1.29 -37.39 2.39
CA THR A 145 -0.27 -38.46 2.40
C THR A 145 -0.74 -39.64 3.29
N ILE A 146 -1.59 -39.36 4.30
CA ILE A 146 -2.17 -40.40 5.17
C ILE A 146 -3.24 -41.17 4.37
N LEU A 147 -4.11 -40.42 3.65
CA LEU A 147 -5.19 -40.95 2.82
C LEU A 147 -4.71 -41.82 1.65
N GLN A 148 -3.52 -41.52 1.09
CA GLN A 148 -2.94 -42.29 -0.03
C GLN A 148 -2.14 -43.53 0.46
N ASN A 149 -1.92 -43.65 1.78
CA ASN A 149 -1.20 -44.77 2.41
C ASN A 149 -1.98 -45.33 3.62
N ILE A 150 -3.32 -45.13 3.63
CA ILE A 150 -4.28 -45.52 4.67
C ILE A 150 -4.16 -47.00 5.10
N LEU A 151 -4.19 -47.96 4.15
CA LEU A 151 -4.13 -49.40 4.46
C LEU A 151 -2.75 -49.88 4.93
N ARG A 152 -1.70 -49.09 4.67
CA ARG A 152 -0.33 -49.39 5.10
C ARG A 152 -0.12 -48.85 6.52
N LEU A 153 -0.84 -47.77 6.87
CA LEU A 153 -0.75 -47.07 8.15
C LEU A 153 -1.62 -47.65 9.27
N ILE A 154 -2.65 -48.47 8.95
CA ILE A 154 -3.53 -49.08 9.95
C ILE A 154 -2.77 -50.11 10.83
N ASN A 155 -1.65 -50.64 10.31
CA ASN A 155 -0.78 -51.60 10.98
C ASN A 155 0.47 -50.93 11.58
N ASP A 156 0.71 -49.65 11.24
CA ASP A 156 1.85 -48.85 11.71
C ASP A 156 1.77 -48.56 13.21
N GLU A 157 2.94 -48.35 13.85
CA GLU A 157 3.10 -48.07 15.28
C GLU A 157 2.43 -46.78 15.74
N ASN A 158 2.57 -45.70 14.95
CA ASN A 158 2.04 -44.36 15.24
C ASN A 158 0.51 -44.20 15.04
N PHE A 159 -0.18 -45.25 14.57
CA PHE A 159 -1.62 -45.26 14.31
C PHE A 159 -2.49 -45.06 15.57
N LYS A 160 -1.99 -45.50 16.74
CA LYS A 160 -2.68 -45.40 18.03
C LYS A 160 -2.81 -43.94 18.54
N TYR A 161 -1.87 -43.06 18.13
CA TYR A 161 -1.83 -41.66 18.54
C TYR A 161 -2.89 -40.77 17.86
N LEU A 162 -3.48 -41.24 16.73
CA LEU A 162 -4.51 -40.50 15.99
C LEU A 162 -5.81 -40.44 16.78
N THR A 163 -6.31 -39.22 17.01
CA THR A 163 -7.54 -38.93 17.77
C THR A 163 -8.82 -39.41 17.08
N GLU A 164 -9.93 -39.48 17.85
CA GLU A 164 -11.26 -39.89 17.41
C GLU A 164 -11.80 -38.94 16.32
N GLU A 165 -11.60 -37.61 16.51
CA GLU A 165 -12.02 -36.55 15.59
C GLU A 165 -11.27 -36.65 14.26
N SER A 166 -9.97 -37.04 14.32
CA SER A 166 -9.09 -37.21 13.17
C SER A 166 -9.53 -38.41 12.31
N MET A 167 -10.00 -39.50 12.97
CA MET A 167 -10.50 -40.71 12.32
C MET A 167 -11.78 -40.45 11.55
N ILE A 168 -12.67 -39.60 12.11
CA ILE A 168 -13.93 -39.19 11.49
C ILE A 168 -13.63 -38.36 10.23
N LYS A 169 -12.66 -37.42 10.32
CA LYS A 169 -12.20 -36.54 9.24
C LYS A 169 -11.64 -37.33 8.04
N ILE A 170 -10.90 -38.43 8.32
CA ILE A 170 -10.27 -39.30 7.31
C ILE A 170 -11.35 -40.09 6.53
N LEU A 171 -12.27 -40.76 7.24
CA LEU A 171 -13.34 -41.58 6.67
C LEU A 171 -14.55 -40.79 6.14
N SER A 172 -14.67 -39.50 6.55
CA SER A 172 -15.75 -38.55 6.25
C SER A 172 -16.40 -38.65 4.86
N ASP A 173 -15.62 -38.46 3.77
CA ASP A 173 -16.20 -38.47 2.42
C ASP A 173 -15.41 -39.31 1.40
N ASP A 174 -14.37 -38.75 0.75
CA ASP A 174 -13.59 -39.41 -0.30
C ASP A 174 -12.08 -39.15 -0.20
N MET A 175 -11.36 -39.38 -1.33
CA MET A 175 -9.90 -39.22 -1.56
C MET A 175 -9.06 -40.31 -0.86
N LEU A 176 -9.66 -41.12 0.03
CA LEU A 176 -8.97 -42.22 0.71
C LEU A 176 -8.69 -43.38 -0.24
N ASN A 177 -7.40 -43.68 -0.46
CA ASN A 177 -6.91 -44.71 -1.38
C ASN A 177 -7.26 -46.14 -0.92
N ILE A 178 -8.48 -46.57 -1.23
CA ILE A 178 -9.02 -47.91 -0.93
C ILE A 178 -9.65 -48.50 -2.19
N LYS A 179 -9.05 -49.58 -2.73
CA LYS A 179 -9.51 -50.26 -3.94
C LYS A 179 -10.91 -50.87 -3.80
N ASN A 180 -11.21 -51.43 -2.61
CA ASN A 180 -12.51 -52.01 -2.30
C ASN A 180 -13.36 -50.96 -1.57
N GLU A 181 -14.65 -50.86 -1.93
CA GLU A 181 -15.59 -49.90 -1.34
C GLU A 181 -16.26 -50.46 -0.08
N ASP A 182 -15.48 -51.17 0.76
CA ASP A 182 -15.92 -51.79 2.01
C ASP A 182 -14.76 -51.91 3.04
N PHE A 183 -13.66 -51.17 2.79
CA PHE A 183 -12.49 -51.16 3.69
C PHE A 183 -12.68 -50.24 4.90
N ALA A 184 -13.52 -49.19 4.75
CA ALA A 184 -13.83 -48.20 5.79
C ALA A 184 -14.20 -48.79 7.18
N PRO A 185 -15.13 -49.79 7.32
CA PRO A 185 -15.40 -50.33 8.67
C PRO A 185 -14.24 -51.15 9.23
N LEU A 186 -13.44 -51.79 8.35
CA LEU A 186 -12.26 -52.59 8.72
C LEU A 186 -11.13 -51.70 9.27
N ILE A 187 -11.05 -50.44 8.78
CA ILE A 187 -10.08 -49.43 9.23
C ILE A 187 -10.46 -48.98 10.66
N LEU A 188 -11.78 -48.84 10.93
CA LEU A 188 -12.34 -48.47 12.22
C LEU A 188 -12.06 -49.57 13.27
N ILE A 189 -12.16 -50.86 12.86
CA ILE A 189 -11.90 -52.03 13.71
C ILE A 189 -10.43 -52.03 14.15
N LYS A 190 -9.49 -51.81 13.20
CA LYS A 190 -8.05 -51.74 13.45
C LYS A 190 -7.66 -50.60 14.40
N TRP A 191 -8.41 -49.48 14.36
CA TRP A 191 -8.19 -48.33 15.24
C TRP A 191 -8.66 -48.64 16.65
N LEU A 192 -9.84 -49.30 16.78
CA LEU A 192 -10.43 -49.72 18.05
C LEU A 192 -9.61 -50.86 18.70
N GLU A 193 -8.81 -51.58 17.90
CA GLU A 193 -7.93 -52.66 18.36
C GLU A 193 -6.58 -52.12 18.82
N SER A 194 -6.07 -51.06 18.15
CA SER A 194 -4.80 -50.41 18.46
C SER A 194 -4.89 -49.48 19.67
N THR A 195 -6.02 -48.76 19.82
CA THR A 195 -6.25 -47.81 20.92
C THR A 195 -6.89 -48.48 22.14
N GLN A 196 -7.71 -49.54 21.92
CA GLN A 196 -8.43 -50.33 22.93
C GLN A 196 -9.37 -49.48 23.79
N THR B 2 -18.89 -24.14 30.13
CA THR B 2 -17.57 -24.38 29.54
C THR B 2 -16.52 -23.52 30.24
N MET B 3 -15.38 -24.13 30.64
CA MET B 3 -14.26 -23.48 31.31
C MET B 3 -13.59 -22.45 30.38
N ASP B 4 -13.24 -22.88 29.15
CA ASP B 4 -12.59 -22.05 28.14
C ASP B 4 -13.46 -20.87 27.65
N GLU B 5 -14.80 -21.00 27.73
CA GLU B 5 -15.73 -19.93 27.35
C GLU B 5 -15.64 -18.74 28.35
N LYS B 6 -15.12 -19.02 29.56
CA LYS B 6 -14.90 -18.04 30.63
C LYS B 6 -13.40 -17.72 30.77
N TYR B 7 -12.52 -18.67 30.36
CA TYR B 7 -11.06 -18.56 30.42
C TYR B 7 -10.51 -17.70 29.26
N VAL B 8 -10.96 -17.97 28.00
CA VAL B 8 -10.55 -17.24 26.80
C VAL B 8 -11.06 -15.78 26.85
N ASN B 9 -12.26 -15.57 27.44
CA ASN B 9 -12.86 -14.24 27.63
C ASN B 9 -12.05 -13.43 28.65
N SER B 10 -11.35 -14.13 29.59
CA SER B 10 -10.49 -13.53 30.61
C SER B 10 -9.10 -13.22 30.06
N ILE B 11 -8.54 -14.08 29.19
CA ILE B 11 -7.22 -13.85 28.57
C ILE B 11 -7.31 -12.72 27.54
N TRP B 12 -8.50 -12.53 26.94
CA TRP B 12 -8.75 -11.45 25.98
C TRP B 12 -8.80 -10.11 26.73
N ASP B 13 -9.43 -10.06 27.93
CA ASP B 13 -9.53 -8.87 28.79
C ASP B 13 -8.15 -8.28 29.13
N LEU B 14 -7.13 -9.16 29.21
CA LEU B 14 -5.73 -8.80 29.46
C LEU B 14 -5.14 -8.08 28.24
N LEU B 15 -5.46 -8.58 27.03
CA LEU B 15 -5.00 -8.02 25.75
C LEU B 15 -5.79 -6.74 25.41
N LYS B 16 -7.09 -6.70 25.76
CA LYS B 16 -8.02 -5.58 25.57
C LYS B 16 -7.54 -4.37 26.36
N ASN B 17 -7.11 -4.58 27.62
CA ASN B 17 -6.59 -3.55 28.52
C ASN B 17 -5.29 -2.96 27.97
N ALA B 18 -4.44 -3.81 27.37
CA ALA B 18 -3.15 -3.44 26.77
C ALA B 18 -3.31 -2.53 25.55
N ILE B 19 -4.25 -2.90 24.63
CA ILE B 19 -4.56 -2.14 23.41
C ILE B 19 -5.06 -0.74 23.80
N GLN B 20 -5.94 -0.67 24.83
CA GLN B 20 -6.48 0.57 25.38
C GLN B 20 -5.39 1.45 25.99
N GLU B 21 -4.35 0.83 26.58
CA GLU B 21 -3.20 1.52 27.16
C GLU B 21 -2.32 2.15 26.08
N ILE B 22 -2.21 1.49 24.90
CA ILE B 22 -1.45 1.97 23.73
C ILE B 22 -2.16 3.20 23.13
N GLN B 23 -3.52 3.17 23.14
CA GLN B 23 -4.39 4.25 22.67
C GLN B 23 -4.27 5.51 23.54
N ARG B 24 -3.91 5.32 24.83
CA ARG B 24 -3.71 6.39 25.82
C ARG B 24 -2.24 6.81 25.88
N LYS B 25 -1.38 6.21 25.02
CA LYS B 25 0.08 6.43 24.92
C LYS B 25 0.83 6.01 26.20
N ASN B 26 0.34 4.95 26.88
CA ASN B 26 0.92 4.37 28.09
C ASN B 26 1.65 3.05 27.77
N ASN B 27 2.26 2.98 26.57
CA ASN B 27 3.01 1.82 26.06
C ASN B 27 4.35 1.62 26.79
N SER B 28 4.86 2.69 27.42
CA SER B 28 6.12 2.75 28.17
C SER B 28 6.27 1.66 29.24
N GLY B 29 5.20 1.38 29.97
CA GLY B 29 5.17 0.37 31.02
C GLY B 29 4.49 -0.94 30.67
N LEU B 30 4.48 -1.27 29.37
CA LEU B 30 3.88 -2.51 28.85
C LEU B 30 4.94 -3.52 28.47
N SER B 31 4.74 -4.80 28.87
CA SER B 31 5.67 -5.88 28.60
C SER B 31 5.31 -6.60 27.30
N PHE B 32 6.18 -6.52 26.27
CA PHE B 32 5.95 -7.16 24.97
C PHE B 32 6.00 -8.68 25.10
N GLU B 33 7.04 -9.23 25.77
CA GLU B 33 7.25 -10.66 25.97
C GLU B 33 6.01 -11.35 26.51
N GLU B 34 5.44 -10.83 27.62
CA GLU B 34 4.24 -11.36 28.27
C GLU B 34 2.99 -11.28 27.38
N LEU B 35 2.74 -10.11 26.76
CA LEU B 35 1.58 -9.87 25.90
C LEU B 35 1.58 -10.68 24.61
N TYR B 36 2.78 -10.97 24.05
CA TYR B 36 2.93 -11.76 22.83
C TYR B 36 2.50 -13.21 23.05
N ARG B 37 2.86 -13.81 24.22
CA ARG B 37 2.52 -15.19 24.57
C ARG B 37 1.01 -15.42 24.62
N ASN B 38 0.25 -14.46 25.20
CA ASN B 38 -1.21 -14.52 25.31
C ASN B 38 -1.88 -14.53 23.93
N ALA B 39 -1.34 -13.76 22.96
CA ALA B 39 -1.81 -13.69 21.58
C ALA B 39 -1.38 -14.95 20.82
N TYR B 40 -0.16 -15.47 21.13
CA TYR B 40 0.43 -16.69 20.56
C TYR B 40 -0.39 -17.92 20.94
N THR B 41 -0.76 -18.04 22.23
CA THR B 41 -1.56 -19.15 22.79
C THR B 41 -3.00 -19.10 22.23
N MET B 42 -3.54 -17.88 22.04
CA MET B 42 -4.88 -17.64 21.51
C MET B 42 -5.04 -18.13 20.06
N VAL B 43 -4.03 -17.85 19.20
CA VAL B 43 -4.03 -18.25 17.79
C VAL B 43 -3.83 -19.78 17.66
N LEU B 44 -2.89 -20.36 18.44
CA LEU B 44 -2.60 -21.80 18.44
C LEU B 44 -3.77 -22.68 18.87
N HIS B 45 -4.58 -22.20 19.83
CA HIS B 45 -5.74 -22.92 20.36
C HIS B 45 -7.04 -22.65 19.58
N LYS B 46 -6.91 -22.18 18.32
CA LYS B 46 -8.00 -21.86 17.38
C LYS B 46 -9.00 -20.83 17.92
N HIS B 47 -8.50 -19.84 18.68
CA HIS B 47 -9.32 -18.76 19.25
C HIS B 47 -8.95 -17.37 18.69
N GLY B 48 -8.44 -17.36 17.46
CA GLY B 48 -8.05 -16.14 16.74
C GLY B 48 -9.22 -15.26 16.36
N GLU B 49 -10.43 -15.86 16.25
CA GLU B 49 -11.69 -15.20 15.91
C GLU B 49 -12.05 -14.19 17.02
N LYS B 50 -11.92 -14.60 18.29
CA LYS B 50 -12.20 -13.78 19.48
C LYS B 50 -11.23 -12.59 19.56
N LEU B 51 -9.95 -12.82 19.19
CA LEU B 51 -8.90 -11.81 19.19
C LEU B 51 -9.09 -10.78 18.06
N TYR B 52 -9.40 -11.24 16.83
CA TYR B 52 -9.62 -10.40 15.65
C TYR B 52 -10.90 -9.56 15.74
N THR B 53 -12.05 -10.20 16.08
CA THR B 53 -13.35 -9.54 16.24
C THR B 53 -13.29 -8.53 17.39
N GLY B 54 -12.57 -8.91 18.45
CA GLY B 54 -12.35 -8.09 19.63
C GLY B 54 -11.52 -6.86 19.33
N LEU B 55 -10.45 -7.02 18.51
CA LEU B 55 -9.54 -5.94 18.09
C LEU B 55 -10.32 -4.86 17.34
N ARG B 56 -11.20 -5.29 16.40
CA ARG B 56 -12.04 -4.40 15.59
C ARG B 56 -12.94 -3.56 16.51
N GLU B 57 -13.61 -4.20 17.49
CA GLU B 57 -14.52 -3.55 18.45
C GLU B 57 -13.84 -2.54 19.38
N VAL B 58 -12.58 -2.81 19.81
CA VAL B 58 -11.80 -1.91 20.69
C VAL B 58 -11.34 -0.66 19.92
N VAL B 59 -10.81 -0.85 18.69
CA VAL B 59 -10.36 0.24 17.80
C VAL B 59 -11.55 1.14 17.40
N THR B 60 -12.72 0.52 17.10
CA THR B 60 -13.97 1.20 16.74
C THR B 60 -14.47 2.07 17.91
N GLU B 61 -14.38 1.54 19.16
CA GLU B 61 -14.78 2.22 20.40
C GLU B 61 -13.96 3.51 20.61
N HIS B 62 -12.62 3.41 20.42
CA HIS B 62 -11.67 4.51 20.56
C HIS B 62 -11.84 5.62 19.52
N LEU B 63 -12.06 5.24 18.24
CA LEU B 63 -12.19 6.20 17.14
C LEU B 63 -13.55 6.91 17.07
N ILE B 64 -14.61 6.33 17.68
CA ILE B 64 -15.96 6.92 17.70
C ILE B 64 -16.15 7.83 18.93
N ASN B 65 -15.91 7.29 20.14
CA ASN B 65 -16.11 8.00 21.40
C ASN B 65 -15.06 9.07 21.73
N LYS B 66 -13.79 8.84 21.36
CA LYS B 66 -12.72 9.80 21.68
C LYS B 66 -12.22 10.61 20.47
N VAL B 67 -11.62 9.95 19.46
CA VAL B 67 -11.01 10.56 18.27
C VAL B 67 -12.02 11.41 17.46
N ARG B 68 -13.21 10.86 17.13
CA ARG B 68 -14.25 11.57 16.37
C ARG B 68 -14.72 12.84 17.10
N GLU B 69 -14.92 12.74 18.43
CA GLU B 69 -15.37 13.86 19.27
C GLU B 69 -14.33 14.98 19.39
N ASP B 70 -13.03 14.62 19.40
CA ASP B 70 -11.92 15.58 19.49
C ASP B 70 -11.81 16.42 18.22
N VAL B 71 -12.14 15.82 17.05
CA VAL B 71 -12.12 16.48 15.74
C VAL B 71 -13.34 17.40 15.60
N LEU B 72 -14.54 16.90 15.99
CA LEU B 72 -15.81 17.65 15.96
C LEU B 72 -15.81 18.87 16.89
N ASN B 73 -15.02 18.82 17.99
CA ASN B 73 -14.90 19.91 18.94
C ASN B 73 -13.79 20.90 18.56
N SER B 74 -13.21 20.75 17.34
CA SER B 74 -12.15 21.60 16.81
C SER B 74 -12.45 22.13 15.39
N LEU B 75 -13.72 22.01 14.93
CA LEU B 75 -14.18 22.45 13.61
C LEU B 75 -13.92 23.93 13.30
N ASN B 76 -13.87 24.79 14.33
CA ASN B 76 -13.66 26.22 14.18
C ASN B 76 -12.22 26.68 14.52
N ASN B 77 -11.50 25.92 15.38
CA ASN B 77 -10.14 26.25 15.80
C ASN B 77 -9.15 25.10 15.53
N ASN B 78 -8.20 25.33 14.60
CA ASN B 78 -7.14 24.41 14.18
C ASN B 78 -7.67 23.01 13.78
N PHE B 79 -8.65 22.99 12.86
CA PHE B 79 -9.30 21.76 12.38
C PHE B 79 -8.32 20.78 11.72
N LEU B 80 -7.54 21.26 10.73
CA LEU B 80 -6.56 20.44 10.00
C LEU B 80 -5.43 19.94 10.89
N GLN B 81 -5.00 20.77 11.87
CA GLN B 81 -3.95 20.45 12.83
C GLN B 81 -4.42 19.35 13.79
N THR B 82 -5.67 19.43 14.28
CA THR B 82 -6.28 18.46 15.20
C THR B 82 -6.52 17.12 14.48
N LEU B 83 -6.99 17.17 13.22
CA LEU B 83 -7.25 15.98 12.40
C LEU B 83 -5.95 15.26 12.04
N ASN B 84 -4.89 16.03 11.72
CA ASN B 84 -3.58 15.46 11.37
C ASN B 84 -2.93 14.81 12.59
N GLN B 85 -3.08 15.42 13.79
CA GLN B 85 -2.58 14.89 15.05
C GLN B 85 -3.30 13.58 15.38
N ALA B 86 -4.63 13.53 15.16
CA ALA B 86 -5.47 12.35 15.35
C ALA B 86 -5.03 11.22 14.42
N TRP B 87 -4.63 11.57 13.18
CA TRP B 87 -4.13 10.65 12.15
C TRP B 87 -2.76 10.07 12.54
N ASN B 88 -1.85 10.92 13.05
CA ASN B 88 -0.51 10.52 13.49
C ASN B 88 -0.55 9.65 14.75
N ASP B 89 -1.49 9.96 15.68
CA ASP B 89 -1.68 9.22 16.92
C ASP B 89 -2.25 7.83 16.65
N HIS B 90 -3.13 7.72 15.62
CA HIS B 90 -3.73 6.45 15.20
C HIS B 90 -2.68 5.55 14.55
N GLN B 91 -1.79 6.13 13.70
CA GLN B 91 -0.71 5.43 13.03
C GLN B 91 0.32 4.87 14.02
N THR B 92 0.67 5.68 15.05
CA THR B 92 1.62 5.31 16.11
C THR B 92 1.03 4.20 17.00
N ALA B 93 -0.29 4.28 17.30
CA ALA B 93 -0.99 3.29 18.11
C ALA B 93 -1.10 1.95 17.39
N MET B 94 -1.53 1.95 16.10
CA MET B 94 -1.71 0.74 15.27
C MET B 94 -0.42 -0.06 15.05
N VAL B 95 0.75 0.62 14.97
CA VAL B 95 2.06 -0.02 14.80
C VAL B 95 2.38 -0.85 16.06
N MET B 96 2.18 -0.25 17.25
CA MET B 96 2.40 -0.90 18.55
C MET B 96 1.34 -1.95 18.88
N ILE B 97 0.13 -1.81 18.27
CA ILE B 97 -0.96 -2.79 18.42
C ILE B 97 -0.60 -4.01 17.55
N ARG B 98 -0.05 -3.76 16.33
CA ARG B 98 0.43 -4.80 15.42
C ARG B 98 1.68 -5.47 16.02
N ASP B 99 2.45 -4.72 16.82
CA ASP B 99 3.66 -5.18 17.49
C ASP B 99 3.38 -6.28 18.52
N ILE B 100 2.37 -6.08 19.39
CA ILE B 100 2.00 -7.05 20.43
C ILE B 100 1.14 -8.20 19.87
N LEU B 101 0.33 -7.93 18.82
CA LEU B 101 -0.52 -8.93 18.16
C LEU B 101 0.10 -9.42 16.84
N MET B 102 1.44 -9.42 16.76
CA MET B 102 2.23 -9.82 15.58
C MET B 102 1.98 -11.26 15.12
N TYR B 103 1.81 -12.20 16.07
CA TYR B 103 1.55 -13.61 15.75
C TYR B 103 0.19 -13.80 15.05
N MET B 104 -0.80 -12.97 15.40
CA MET B 104 -2.13 -12.94 14.78
C MET B 104 -2.00 -12.34 13.37
N ASP B 105 -1.10 -11.33 13.22
CA ASP B 105 -0.82 -10.62 11.96
C ASP B 105 0.01 -11.44 10.96
N ARG B 106 0.67 -12.52 11.44
CA ARG B 106 1.50 -13.38 10.59
C ARG B 106 0.92 -14.77 10.33
N VAL B 107 0.08 -15.28 11.26
CA VAL B 107 -0.50 -16.62 11.13
C VAL B 107 -2.00 -16.57 10.84
N TYR B 108 -2.81 -15.96 11.73
CA TYR B 108 -4.27 -15.89 11.61
C TYR B 108 -4.76 -15.19 10.33
N VAL B 109 -4.37 -13.92 10.09
CA VAL B 109 -4.81 -13.15 8.92
C VAL B 109 -4.27 -13.71 7.58
N GLN B 110 -3.14 -14.44 7.62
CA GLN B 110 -2.50 -15.02 6.45
C GLN B 110 -3.23 -16.25 5.90
N GLN B 111 -3.59 -17.22 6.78
CA GLN B 111 -4.28 -18.45 6.37
C GLN B 111 -5.81 -18.31 6.30
N ASN B 112 -6.41 -17.33 7.01
CA ASN B 112 -7.85 -17.08 7.00
C ASN B 112 -8.26 -16.05 5.94
N ASN B 113 -7.26 -15.41 5.28
CA ASN B 113 -7.41 -14.40 4.22
C ASN B 113 -8.32 -13.22 4.61
N VAL B 114 -7.85 -12.44 5.60
CA VAL B 114 -8.51 -11.24 6.11
C VAL B 114 -7.52 -10.07 6.16
N GLU B 115 -8.02 -8.83 6.33
CA GLU B 115 -7.19 -7.62 6.38
C GLU B 115 -6.26 -7.61 7.60
N ASN B 116 -5.00 -7.17 7.41
CA ASN B 116 -4.00 -7.08 8.47
C ASN B 116 -4.31 -5.93 9.45
N VAL B 117 -3.63 -5.91 10.63
CA VAL B 117 -3.82 -4.91 11.69
C VAL B 117 -3.72 -3.47 11.13
N TYR B 118 -2.71 -3.19 10.28
CA TYR B 118 -2.49 -1.88 9.64
C TYR B 118 -3.68 -1.47 8.76
N ASN B 119 -4.11 -2.35 7.83
CA ASN B 119 -5.23 -2.12 6.92
C ASN B 119 -6.58 -2.00 7.64
N LEU B 120 -6.78 -2.81 8.71
CA LEU B 120 -8.00 -2.79 9.53
C LEU B 120 -8.15 -1.43 10.23
N GLY B 121 -7.04 -0.89 10.73
CA GLY B 121 -6.99 0.41 11.38
C GLY B 121 -7.33 1.55 10.44
N LEU B 122 -6.85 1.44 9.18
CA LEU B 122 -7.10 2.43 8.12
C LEU B 122 -8.58 2.49 7.75
N ILE B 123 -9.25 1.31 7.66
CA ILE B 123 -10.68 1.19 7.33
C ILE B 123 -11.56 1.88 8.39
N ILE B 124 -11.30 1.60 9.69
CA ILE B 124 -12.06 2.16 10.81
C ILE B 124 -11.81 3.68 10.94
N PHE B 125 -10.55 4.15 10.74
CA PHE B 125 -10.22 5.58 10.79
C PHE B 125 -10.85 6.34 9.62
N ARG B 126 -10.96 5.68 8.45
CA ARG B 126 -11.57 6.23 7.24
C ARG B 126 -13.09 6.35 7.41
N ASP B 127 -13.76 5.23 7.72
CA ASP B 127 -15.22 5.17 7.85
C ASP B 127 -15.81 5.94 9.04
N GLN B 128 -15.12 5.94 10.20
CA GLN B 128 -15.64 6.58 11.42
C GLN B 128 -15.14 8.01 11.70
N VAL B 129 -14.02 8.45 11.07
CA VAL B 129 -13.50 9.81 11.34
C VAL B 129 -13.45 10.68 10.06
N VAL B 130 -12.55 10.36 9.11
CA VAL B 130 -12.29 11.12 7.87
C VAL B 130 -13.54 11.20 6.96
N ARG B 131 -14.23 10.06 6.73
CA ARG B 131 -15.42 10.01 5.89
C ARG B 131 -16.73 10.22 6.68
N TYR B 132 -16.63 10.52 7.99
CA TYR B 132 -17.80 10.79 8.83
C TYR B 132 -18.41 12.13 8.46
N GLY B 133 -19.73 12.10 8.24
CA GLY B 133 -20.59 13.21 7.85
C GLY B 133 -20.06 14.63 7.91
N CYS B 134 -20.07 15.23 9.11
CA CYS B 134 -19.64 16.62 9.35
C CYS B 134 -18.15 16.87 9.10
N ILE B 135 -17.28 15.91 9.49
CA ILE B 135 -15.81 16.00 9.31
C ILE B 135 -15.46 15.96 7.82
N ARG B 136 -16.08 15.02 7.07
CA ARG B 136 -15.90 14.81 5.63
C ARG B 136 -16.25 16.08 4.84
N ASP B 137 -17.36 16.76 5.20
CA ASP B 137 -17.83 18.00 4.58
C ASP B 137 -16.89 19.16 4.90
N HIS B 138 -16.50 19.30 6.20
CA HIS B 138 -15.61 20.36 6.66
C HIS B 138 -14.20 20.26 6.08
N LEU B 139 -13.67 19.02 5.92
CA LEU B 139 -12.35 18.77 5.32
C LEU B 139 -12.34 19.24 3.86
N ARG B 140 -13.43 18.94 3.13
CA ARG B 140 -13.63 19.32 1.73
C ARG B 140 -13.72 20.86 1.63
N GLN B 141 -14.53 21.50 2.49
CA GLN B 141 -14.73 22.96 2.50
C GLN B 141 -13.48 23.74 2.91
N THR B 142 -12.65 23.19 3.83
CA THR B 142 -11.41 23.82 4.29
C THR B 142 -10.32 23.78 3.21
N LEU B 143 -10.10 22.60 2.59
CA LEU B 143 -9.09 22.38 1.55
C LEU B 143 -9.36 23.18 0.27
N LEU B 144 -10.64 23.23 -0.17
CA LEU B 144 -11.06 23.97 -1.36
C LEU B 144 -10.96 25.47 -1.19
N ASP B 145 -11.25 25.98 0.02
CA ASP B 145 -11.17 27.41 0.35
C ASP B 145 -9.71 27.90 0.33
N MET B 146 -8.79 27.08 0.87
CA MET B 146 -7.34 27.38 0.91
C MET B 146 -6.75 27.52 -0.49
N ILE B 147 -7.19 26.66 -1.44
CA ILE B 147 -6.76 26.69 -2.85
C ILE B 147 -7.36 27.93 -3.54
N ALA B 148 -8.65 28.23 -3.26
CA ALA B 148 -9.37 29.38 -3.80
C ALA B 148 -8.78 30.70 -3.31
N ARG B 149 -8.26 30.72 -2.05
CA ARG B 149 -7.63 31.89 -1.43
C ARG B 149 -6.25 32.12 -2.06
N GLU B 150 -5.47 31.03 -2.26
CA GLU B 150 -4.12 31.05 -2.86
C GLU B 150 -4.16 31.56 -4.31
N ARG B 151 -5.25 31.23 -5.04
CA ARG B 151 -5.46 31.66 -6.43
C ARG B 151 -5.75 33.16 -6.52
N LYS B 152 -6.35 33.73 -5.45
CA LYS B 152 -6.67 35.16 -5.36
C LYS B 152 -5.42 35.99 -5.04
N GLY B 153 -4.42 35.35 -4.42
CA GLY B 153 -3.15 35.97 -4.06
C GLY B 153 -2.83 35.97 -2.58
N GLU B 154 -3.50 35.10 -1.80
CA GLU B 154 -3.32 34.97 -0.35
C GLU B 154 -2.31 33.87 -0.01
N VAL B 155 -1.69 33.95 1.18
CA VAL B 155 -0.73 32.95 1.67
C VAL B 155 -1.46 31.93 2.57
N VAL B 156 -1.39 30.65 2.18
CA VAL B 156 -2.03 29.53 2.89
C VAL B 156 -1.02 28.46 3.33
N ASP B 157 -1.38 27.67 4.36
CA ASP B 157 -0.54 26.58 4.88
C ASP B 157 -0.55 25.40 3.90
N ARG B 158 0.45 25.37 3.00
CA ARG B 158 0.63 24.34 1.97
C ARG B 158 0.90 22.96 2.58
N GLY B 159 1.63 22.94 3.69
CA GLY B 159 1.98 21.73 4.44
C GLY B 159 0.77 21.01 5.01
N ALA B 160 -0.24 21.79 5.47
CA ALA B 160 -1.50 21.26 6.01
C ALA B 160 -2.31 20.60 4.90
N ILE B 161 -2.26 21.17 3.67
CA ILE B 161 -2.93 20.63 2.48
C ILE B 161 -2.20 19.36 2.05
N ARG B 162 -0.84 19.39 2.09
CA ARG B 162 0.05 18.27 1.75
C ARG B 162 -0.19 17.06 2.65
N ASN B 163 -0.34 17.29 3.97
CA ASN B 163 -0.59 16.24 4.96
C ASN B 163 -1.98 15.64 4.82
N ALA B 164 -3.01 16.47 4.59
CA ALA B 164 -4.40 16.05 4.41
C ALA B 164 -4.61 15.23 3.14
N CYS B 165 -3.88 15.57 2.05
CA CYS B 165 -3.94 14.86 0.77
C CYS B 165 -3.23 13.52 0.84
N GLN B 166 -2.07 13.47 1.52
CA GLN B 166 -1.28 12.25 1.72
C GLN B 166 -2.01 11.27 2.65
N MET B 167 -2.88 11.80 3.53
CA MET B 167 -3.71 11.03 4.45
C MET B 167 -4.81 10.33 3.67
N LEU B 168 -5.50 11.07 2.76
CA LEU B 168 -6.58 10.56 1.89
C LEU B 168 -6.10 9.49 0.91
N MET B 169 -4.82 9.58 0.48
CA MET B 169 -4.20 8.62 -0.44
C MET B 169 -3.93 7.28 0.27
N ILE B 170 -3.40 7.33 1.52
CA ILE B 170 -3.09 6.14 2.33
C ILE B 170 -4.39 5.41 2.76
N LEU B 171 -5.47 6.17 3.04
CA LEU B 171 -6.77 5.62 3.45
C LEU B 171 -7.53 4.88 2.34
N GLY B 172 -7.01 4.94 1.11
CA GLY B 172 -7.57 4.26 -0.06
C GLY B 172 -7.10 2.83 -0.20
N LEU B 173 -6.19 2.38 0.71
CA LEU B 173 -5.57 1.05 0.79
C LEU B 173 -4.82 0.71 -0.51
N GLU B 174 -3.68 1.41 -0.73
CA GLU B 174 -2.82 1.31 -1.92
C GLU B 174 -3.60 1.68 -3.21
N GLY B 175 -4.47 2.68 -3.08
CA GLY B 175 -5.32 3.20 -4.13
C GLY B 175 -5.65 4.66 -3.93
N ARG B 176 -6.30 5.29 -4.91
CA ARG B 176 -6.64 6.72 -4.86
C ARG B 176 -8.16 6.97 -4.76
N SER B 177 -8.97 5.93 -4.50
CA SER B 177 -10.43 5.96 -4.39
C SER B 177 -10.98 6.97 -3.37
N VAL B 178 -10.30 7.12 -2.22
CA VAL B 178 -10.68 8.04 -1.15
C VAL B 178 -10.32 9.48 -1.53
N TYR B 179 -9.08 9.68 -2.03
CA TYR B 179 -8.56 10.97 -2.48
C TYR B 179 -9.37 11.54 -3.66
N GLU B 180 -9.79 10.67 -4.60
CA GLU B 180 -10.57 11.03 -5.79
C GLU B 180 -11.98 11.50 -5.43
N GLU B 181 -12.73 10.69 -4.66
CA GLU B 181 -14.10 10.95 -4.23
C GLU B 181 -14.22 12.14 -3.26
N ASP B 182 -13.39 12.16 -2.20
CA ASP B 182 -13.43 13.18 -1.16
C ASP B 182 -12.76 14.50 -1.55
N PHE B 183 -11.69 14.48 -2.37
CA PHE B 183 -11.00 15.72 -2.73
C PHE B 183 -10.92 16.04 -4.22
N GLU B 184 -10.34 15.15 -5.06
CA GLU B 184 -10.10 15.40 -6.49
C GLU B 184 -11.34 15.80 -7.31
N ALA B 185 -12.46 15.04 -7.19
CA ALA B 185 -13.69 15.34 -7.94
C ALA B 185 -14.26 16.74 -7.63
N PRO B 186 -14.53 17.17 -6.35
CA PRO B 186 -15.02 18.55 -6.15
C PRO B 186 -13.98 19.63 -6.46
N PHE B 187 -12.67 19.28 -6.43
CA PHE B 187 -11.56 20.19 -6.73
C PHE B 187 -11.55 20.58 -8.20
N LEU B 188 -11.71 19.59 -9.10
CA LEU B 188 -11.74 19.80 -10.55
C LEU B 188 -13.02 20.54 -10.97
N GLU B 189 -14.12 20.35 -10.20
CA GLU B 189 -15.42 20.99 -10.43
C GLU B 189 -15.36 22.47 -10.03
N MET B 190 -14.68 22.79 -8.91
CA MET B 190 -14.49 24.15 -8.40
C MET B 190 -13.51 24.92 -9.28
N SER B 191 -12.40 24.25 -9.70
CA SER B 191 -11.36 24.82 -10.55
C SER B 191 -11.90 25.24 -11.91
N ALA B 192 -12.71 24.37 -12.55
CA ALA B 192 -13.34 24.62 -13.85
C ALA B 192 -14.19 25.90 -13.83
N GLU B 193 -14.89 26.16 -12.71
CA GLU B 193 -15.72 27.34 -12.50
C GLU B 193 -14.85 28.60 -12.40
N PHE B 194 -13.66 28.47 -11.77
CA PHE B 194 -12.70 29.57 -11.62
C PHE B 194 -12.01 29.89 -12.95
N PHE B 195 -11.51 28.86 -13.66
CA PHE B 195 -10.81 29.01 -14.95
C PHE B 195 -11.69 29.60 -16.05
N GLN B 196 -13.00 29.29 -16.04
CA GLN B 196 -13.95 29.82 -17.02
C GLN B 196 -14.21 31.32 -16.78
N MET B 197 -14.33 31.74 -15.51
CA MET B 197 -14.54 33.13 -15.14
C MET B 197 -13.30 33.97 -15.41
N GLU B 198 -12.09 33.38 -15.21
CA GLU B 198 -10.81 34.02 -15.47
C GLU B 198 -10.56 34.14 -16.97
N SER B 199 -11.11 33.20 -17.77
CA SER B 199 -11.03 33.19 -19.23
C SER B 199 -11.78 34.38 -19.81
N GLN B 200 -13.01 34.63 -19.29
CA GLN B 200 -13.90 35.72 -19.68
C GLN B 200 -13.26 37.10 -19.42
N LYS B 201 -12.48 37.21 -18.32
CA LYS B 201 -11.75 38.42 -17.93
C LYS B 201 -10.64 38.72 -18.93
N PHE B 202 -9.75 37.73 -19.18
CA PHE B 202 -8.61 37.83 -20.08
C PHE B 202 -8.98 38.10 -21.55
N LEU B 203 -10.13 37.55 -22.02
CA LEU B 203 -10.60 37.76 -23.39
C LEU B 203 -11.10 39.19 -23.64
N ALA B 204 -11.45 39.92 -22.56
CA ALA B 204 -11.95 41.29 -22.61
C ALA B 204 -10.91 42.36 -22.26
N GLU B 205 -9.92 42.03 -21.39
CA GLU B 205 -8.88 42.99 -20.96
C GLU B 205 -7.48 42.71 -21.54
N ASN B 206 -7.31 41.66 -22.37
CA ASN B 206 -6.01 41.33 -22.97
C ASN B 206 -6.07 41.02 -24.46
N SER B 207 -4.90 41.01 -25.12
CA SER B 207 -4.73 40.68 -26.54
C SER B 207 -4.64 39.15 -26.70
N ALA B 208 -4.81 38.64 -27.94
CA ALA B 208 -4.73 37.21 -28.27
C ALA B 208 -3.36 36.63 -27.90
N SER B 209 -2.29 37.38 -28.20
CA SER B 209 -0.90 37.03 -27.91
C SER B 209 -0.64 36.97 -26.40
N VAL B 210 -1.21 37.94 -25.65
CA VAL B 210 -1.11 38.05 -24.18
C VAL B 210 -1.90 36.90 -23.52
N TYR B 211 -3.06 36.53 -24.11
CA TYR B 211 -3.94 35.46 -23.65
C TYR B 211 -3.21 34.11 -23.64
N ILE B 212 -2.58 33.73 -24.77
CA ILE B 212 -1.84 32.48 -24.96
C ILE B 212 -0.72 32.32 -23.91
N LYS B 213 0.03 33.41 -23.65
CA LYS B 213 1.11 33.45 -22.66
C LYS B 213 0.55 33.37 -21.22
N LYS B 214 -0.67 33.90 -21.00
CA LYS B 214 -1.34 33.86 -19.69
C LYS B 214 -1.88 32.46 -19.36
N VAL B 215 -2.29 31.69 -20.40
CA VAL B 215 -2.78 30.32 -20.25
C VAL B 215 -1.60 29.42 -19.85
N GLU B 216 -0.44 29.58 -20.54
CA GLU B 216 0.81 28.86 -20.27
C GLU B 216 1.28 29.11 -18.83
N ALA B 217 1.11 30.36 -18.34
CA ALA B 217 1.45 30.78 -16.98
C ALA B 217 0.56 30.06 -15.96
N ARG B 218 -0.73 29.88 -16.28
CA ARG B 218 -1.70 29.18 -15.44
C ARG B 218 -1.44 27.67 -15.43
N ILE B 219 -1.00 27.09 -16.58
CA ILE B 219 -0.65 25.67 -16.72
C ILE B 219 0.51 25.36 -15.76
N ASN B 220 1.59 26.18 -15.81
CA ASN B 220 2.78 26.04 -14.97
C ASN B 220 2.50 26.34 -13.48
N GLU B 221 1.48 27.19 -13.19
CA GLU B 221 1.08 27.55 -11.83
C GLU B 221 0.33 26.39 -11.18
N GLU B 222 -0.54 25.72 -11.94
CA GLU B 222 -1.33 24.57 -11.48
C GLU B 222 -0.48 23.33 -11.28
N ILE B 223 0.63 23.20 -12.04
CA ILE B 223 1.58 22.08 -11.91
C ILE B 223 2.33 22.23 -10.57
N GLU B 224 2.71 23.48 -10.23
CA GLU B 224 3.39 23.83 -8.97
C GLU B 224 2.53 23.50 -7.75
N ARG B 225 1.23 23.84 -7.80
CA ARG B 225 0.25 23.59 -6.74
C ARG B 225 0.10 22.09 -6.45
N VAL B 226 0.11 21.27 -7.51
CA VAL B 226 -0.01 19.81 -7.44
C VAL B 226 1.25 19.20 -6.83
N MET B 227 2.44 19.61 -7.32
CA MET B 227 3.74 19.12 -6.85
C MET B 227 4.04 19.51 -5.38
N HIS B 228 3.55 20.70 -4.93
CA HIS B 228 3.80 21.19 -3.57
C HIS B 228 2.70 20.90 -2.54
N CYS B 229 1.41 20.85 -2.94
CA CYS B 229 0.30 20.66 -2.00
C CYS B 229 -0.48 19.35 -2.18
N LEU B 230 -0.56 18.82 -3.41
CA LEU B 230 -1.38 17.62 -3.67
C LEU B 230 -0.55 16.39 -4.10
N ASP B 231 -1.24 15.33 -4.57
CA ASP B 231 -0.62 14.10 -5.07
C ASP B 231 -0.31 14.32 -6.56
N LYS B 232 0.88 13.91 -7.03
CA LYS B 232 1.31 14.14 -8.42
C LYS B 232 0.46 13.41 -9.50
N SER B 233 -0.49 12.56 -9.09
CA SER B 233 -1.41 11.87 -10.01
C SER B 233 -2.51 12.83 -10.50
N THR B 234 -2.62 14.00 -9.83
CA THR B 234 -3.58 15.07 -10.12
C THR B 234 -3.03 16.05 -11.17
N GLU B 235 -1.74 15.90 -11.57
CA GLU B 235 -1.08 16.76 -12.56
C GLU B 235 -1.80 16.75 -13.91
N GLU B 236 -2.04 15.56 -14.51
CA GLU B 236 -2.74 15.42 -15.79
C GLU B 236 -4.22 15.88 -15.70
N PRO B 237 -5.05 15.42 -14.72
CA PRO B 237 -6.46 15.89 -14.67
C PRO B 237 -6.66 17.40 -14.55
N ILE B 238 -5.78 18.13 -13.82
CA ILE B 238 -5.92 19.59 -13.66
C ILE B 238 -5.49 20.31 -14.95
N VAL B 239 -4.37 19.89 -15.57
CA VAL B 239 -3.84 20.48 -16.82
C VAL B 239 -4.91 20.39 -17.94
N LYS B 240 -5.61 19.24 -18.02
CA LYS B 240 -6.70 19.00 -18.97
C LYS B 240 -7.91 19.92 -18.74
N VAL B 241 -8.19 20.28 -17.46
CA VAL B 241 -9.26 21.20 -17.07
C VAL B 241 -8.87 22.63 -17.49
N VAL B 242 -7.58 23.01 -17.28
CA VAL B 242 -7.01 24.31 -17.67
C VAL B 242 -7.09 24.46 -19.20
N GLU B 243 -6.71 23.39 -19.92
CA GLU B 243 -6.71 23.32 -21.39
C GLU B 243 -8.13 23.42 -21.98
N ARG B 244 -9.11 22.74 -21.35
CA ARG B 244 -10.50 22.73 -21.80
C ARG B 244 -11.20 24.08 -21.61
N GLU B 245 -11.13 24.65 -20.39
CA GLU B 245 -11.77 25.91 -20.04
C GLU B 245 -11.16 27.15 -20.70
N LEU B 246 -9.83 27.17 -20.91
CA LEU B 246 -9.13 28.32 -21.48
C LEU B 246 -8.82 28.23 -22.98
N ILE B 247 -8.60 27.01 -23.53
CA ILE B 247 -8.26 26.86 -24.96
C ILE B 247 -9.42 26.27 -25.77
N SER B 248 -9.80 25.01 -25.49
CA SER B 248 -10.85 24.25 -26.20
C SER B 248 -12.19 24.97 -26.35
N LYS B 249 -12.65 25.64 -25.28
CA LYS B 249 -13.92 26.37 -25.29
C LYS B 249 -13.84 27.73 -26.02
N HIS B 250 -12.63 28.17 -26.42
CA HIS B 250 -12.41 29.45 -27.09
C HIS B 250 -11.49 29.40 -28.32
N MET B 251 -11.28 28.20 -28.92
CA MET B 251 -10.40 27.97 -30.08
C MET B 251 -10.61 28.93 -31.25
N LYS B 252 -11.88 29.05 -31.72
CA LYS B 252 -12.25 29.93 -32.84
C LYS B 252 -12.15 31.41 -32.45
N THR B 253 -12.48 31.75 -31.19
CA THR B 253 -12.43 33.10 -30.63
C THR B 253 -11.01 33.67 -30.62
N ILE B 254 -10.03 32.90 -30.10
CA ILE B 254 -8.61 33.29 -29.99
C ILE B 254 -8.02 33.64 -31.37
N VAL B 255 -8.22 32.77 -32.38
CA VAL B 255 -7.70 32.98 -33.74
C VAL B 255 -8.46 34.09 -34.50
N GLU B 256 -9.75 34.30 -34.21
CA GLU B 256 -10.57 35.31 -34.89
C GLU B 256 -10.55 36.70 -34.22
N MET B 257 -9.65 36.92 -33.23
CA MET B 257 -9.53 38.22 -32.53
C MET B 257 -9.09 39.32 -33.49
N GLU B 258 -9.90 40.38 -33.60
CA GLU B 258 -9.65 41.52 -34.49
C GLU B 258 -8.41 42.31 -34.08
N ASN B 259 -7.47 42.48 -35.03
CA ASN B 259 -6.17 43.17 -34.88
C ASN B 259 -5.27 42.55 -33.79
N SER B 260 -5.42 41.22 -33.53
CA SER B 260 -4.65 40.50 -32.52
C SER B 260 -4.47 39.00 -32.82
N GLY B 261 -5.43 38.40 -33.52
CA GLY B 261 -5.45 36.98 -33.85
C GLY B 261 -4.42 36.50 -34.87
N LEU B 262 -4.66 35.29 -35.42
CA LEU B 262 -3.79 34.63 -36.41
C LEU B 262 -3.59 35.46 -37.69
N VAL B 263 -4.68 36.05 -38.24
CA VAL B 263 -4.67 36.88 -39.45
C VAL B 263 -3.74 38.10 -39.27
N HIS B 264 -3.81 38.76 -38.10
CA HIS B 264 -2.98 39.91 -37.71
C HIS B 264 -1.51 39.52 -37.60
N MET B 265 -1.24 38.31 -37.07
CA MET B 265 0.10 37.76 -36.88
C MET B 265 0.75 37.40 -38.22
N LEU B 266 -0.05 36.90 -39.19
CA LEU B 266 0.41 36.54 -40.54
C LEU B 266 0.77 37.78 -41.36
N LYS B 267 0.04 38.89 -41.16
CA LYS B 267 0.24 40.17 -41.84
C LYS B 267 1.52 40.86 -41.35
N ASN B 268 1.66 41.00 -40.03
CA ASN B 268 2.81 41.63 -39.37
C ASN B 268 4.07 40.75 -39.35
N GLY B 269 3.89 39.45 -39.57
CA GLY B 269 4.96 38.46 -39.60
C GLY B 269 5.62 38.23 -38.25
N LYS B 270 4.81 38.15 -37.18
CA LYS B 270 5.28 37.90 -35.82
C LYS B 270 5.56 36.41 -35.65
N THR B 271 6.76 35.98 -36.12
CA THR B 271 7.27 34.60 -36.15
C THR B 271 7.25 33.90 -34.79
N GLU B 272 7.95 34.44 -33.76
CA GLU B 272 8.02 33.85 -32.42
C GLU B 272 6.66 33.89 -31.71
N ASP B 273 5.87 34.95 -31.96
CA ASP B 273 4.54 35.13 -31.38
C ASP B 273 3.51 34.13 -31.95
N LEU B 274 3.65 33.78 -33.25
CA LEU B 274 2.81 32.81 -33.95
C LEU B 274 3.15 31.39 -33.50
N GLY B 275 4.42 31.18 -33.13
CA GLY B 275 4.94 29.91 -32.63
C GLY B 275 4.40 29.55 -31.26
N CYS B 276 4.08 30.59 -30.44
CA CYS B 276 3.50 30.45 -29.10
C CYS B 276 2.08 29.89 -29.20
N MET B 277 1.32 30.33 -30.24
CA MET B 277 -0.04 29.88 -30.51
C MET B 277 -0.04 28.40 -30.91
N TYR B 278 0.95 27.99 -31.75
CA TYR B 278 1.14 26.62 -32.22
C TYR B 278 1.45 25.68 -31.06
N LYS B 279 2.29 26.12 -30.10
CA LYS B 279 2.69 25.35 -28.92
C LYS B 279 1.51 25.11 -27.94
N LEU B 280 0.60 26.10 -27.84
CA LEU B 280 -0.58 26.02 -26.96
C LEU B 280 -1.74 25.24 -27.58
N PHE B 281 -2.02 25.48 -28.87
CA PHE B 281 -3.11 24.82 -29.60
C PHE B 281 -2.83 23.34 -29.92
N SER B 282 -1.55 22.90 -29.88
CA SER B 282 -1.16 21.51 -30.12
C SER B 282 -1.57 20.57 -28.96
N ARG B 283 -1.84 21.16 -27.77
CA ARG B 283 -2.24 20.46 -26.54
C ARG B 283 -3.65 19.88 -26.63
N VAL B 284 -4.58 20.63 -27.26
CA VAL B 284 -6.01 20.29 -27.37
C VAL B 284 -6.43 19.68 -28.73
N PRO B 285 -7.44 18.77 -28.76
CA PRO B 285 -7.89 18.25 -30.07
C PRO B 285 -8.62 19.34 -30.86
N ASN B 286 -8.44 19.33 -32.21
CA ASN B 286 -8.98 20.30 -33.17
C ASN B 286 -8.35 21.71 -33.01
N GLY B 287 -7.25 21.79 -32.25
CA GLY B 287 -6.52 23.02 -32.01
C GLY B 287 -5.75 23.50 -33.22
N LEU B 288 -4.89 22.62 -33.77
CA LEU B 288 -4.09 22.90 -34.97
C LEU B 288 -4.96 22.90 -36.23
N LYS B 289 -6.13 22.24 -36.16
CA LYS B 289 -7.13 22.17 -37.23
C LYS B 289 -7.77 23.55 -37.40
N THR B 290 -8.06 24.24 -36.29
CA THR B 290 -8.65 25.59 -36.24
C THR B 290 -7.63 26.61 -36.79
N MET B 291 -6.34 26.43 -36.44
CA MET B 291 -5.23 27.28 -36.89
C MET B 291 -5.04 27.16 -38.41
N CYS B 292 -5.20 25.93 -38.96
CA CYS B 292 -5.08 25.63 -40.38
C CYS B 292 -6.24 26.23 -41.18
N GLU B 293 -7.48 26.10 -40.68
CA GLU B 293 -8.70 26.62 -41.32
C GLU B 293 -8.69 28.14 -41.45
N CYS B 294 -8.19 28.84 -40.41
CA CYS B 294 -8.07 30.30 -40.38
C CYS B 294 -6.93 30.76 -41.30
N MET B 295 -5.84 29.98 -41.38
CA MET B 295 -4.67 30.25 -42.23
C MET B 295 -5.03 30.06 -43.70
N SER B 296 -5.78 28.99 -44.04
CA SER B 296 -6.24 28.67 -45.39
C SER B 296 -7.23 29.73 -45.89
N SER B 297 -8.03 30.30 -44.96
CA SER B 297 -9.02 31.35 -45.25
C SER B 297 -8.32 32.65 -45.68
N TYR B 298 -7.18 32.98 -45.04
CA TYR B 298 -6.38 34.18 -45.35
C TYR B 298 -5.50 33.95 -46.58
N LEU B 299 -4.85 32.78 -46.69
CA LEU B 299 -3.95 32.41 -47.80
C LEU B 299 -4.68 32.36 -49.14
N ARG B 300 -5.89 31.75 -49.18
CA ARG B 300 -6.69 31.63 -50.40
C ARG B 300 -7.18 32.99 -50.91
N GLU B 301 -7.49 33.93 -50.00
CA GLU B 301 -7.96 35.28 -50.37
C GLU B 301 -6.82 36.15 -50.91
N GLN B 302 -5.60 36.02 -50.36
CA GLN B 302 -4.43 36.78 -50.79
C GLN B 302 -3.91 36.34 -52.17
N GLY B 303 -4.01 35.03 -52.44
CA GLY B 303 -3.63 34.45 -53.73
C GLY B 303 -4.64 34.76 -54.81
N LYS B 304 -5.92 34.97 -54.40
CA LYS B 304 -7.05 35.33 -55.25
C LYS B 304 -6.87 36.80 -55.71
N ALA B 305 -6.39 37.66 -54.81
CA ALA B 305 -6.14 39.08 -55.05
C ALA B 305 -5.02 39.31 -56.07
N LEU B 306 -3.98 38.44 -56.07
CA LEU B 306 -2.85 38.54 -56.99
C LEU B 306 -3.13 37.77 -58.28
N GLY B 322 4.68 37.16 -58.66
CA GLY B 322 3.62 37.58 -57.75
C GLY B 322 3.30 36.58 -56.66
N LEU B 323 2.88 35.37 -57.07
CA LEU B 323 2.53 34.27 -56.17
C LEU B 323 3.74 33.65 -55.46
N ASP B 324 4.95 33.81 -56.04
CA ASP B 324 6.21 33.30 -55.50
C ASP B 324 6.62 34.00 -54.19
N ASP B 325 6.13 35.25 -53.99
CA ASP B 325 6.37 36.05 -52.80
C ASP B 325 5.56 35.50 -51.61
N LEU B 326 4.34 35.00 -51.87
CA LEU B 326 3.45 34.40 -50.86
C LEU B 326 3.97 33.04 -50.40
N LYS B 327 4.42 32.19 -51.35
CA LYS B 327 4.94 30.85 -51.06
C LYS B 327 6.23 30.90 -50.24
N SER B 328 7.10 31.89 -50.53
CA SER B 328 8.36 32.11 -49.81
C SER B 328 8.10 32.52 -48.36
N ARG B 329 7.10 33.42 -48.15
CA ARG B 329 6.69 33.93 -46.84
C ARG B 329 6.04 32.83 -45.97
N PHE B 330 5.13 32.03 -46.56
CA PHE B 330 4.42 30.95 -45.87
C PHE B 330 5.32 29.74 -45.56
N ASP B 331 6.42 29.55 -46.32
CA ASP B 331 7.40 28.48 -46.08
C ASP B 331 8.23 28.84 -44.85
N ARG B 332 8.48 30.16 -44.65
CA ARG B 332 9.22 30.71 -43.51
C ARG B 332 8.41 30.54 -42.22
N PHE B 333 7.06 30.67 -42.32
CA PHE B 333 6.15 30.49 -41.18
C PHE B 333 6.03 29.00 -40.82
N LEU B 334 6.02 28.12 -41.84
CA LEU B 334 5.90 26.67 -41.72
C LEU B 334 7.07 26.04 -40.95
N LEU B 335 8.30 26.40 -41.31
CA LEU B 335 9.52 25.86 -40.71
C LEU B 335 9.88 26.46 -39.34
N GLU B 336 9.73 27.78 -39.18
CA GLU B 336 10.07 28.49 -37.94
C GLU B 336 8.99 28.48 -36.86
N SER B 337 7.73 28.79 -37.22
CA SER B 337 6.61 28.87 -36.27
C SER B 337 5.80 27.58 -36.12
N PHE B 338 5.50 26.89 -37.25
CA PHE B 338 4.69 25.68 -37.24
C PHE B 338 5.49 24.37 -37.14
N ASN B 339 6.83 24.46 -36.88
CA ASN B 339 7.76 23.34 -36.70
C ASN B 339 7.65 22.24 -37.80
N ASN B 340 7.48 22.68 -39.07
CA ASN B 340 7.34 21.85 -40.28
C ASN B 340 6.30 20.71 -40.11
N ASP B 341 5.08 21.08 -39.68
CA ASP B 341 3.97 20.15 -39.48
C ASP B 341 3.40 19.72 -40.83
N ARG B 342 3.14 18.41 -41.01
CA ARG B 342 2.61 17.85 -42.26
C ARG B 342 1.18 18.35 -42.58
N LEU B 343 0.38 18.68 -41.55
CA LEU B 343 -0.98 19.20 -41.69
C LEU B 343 -0.93 20.63 -42.26
N PHE B 344 0.00 21.46 -41.76
CA PHE B 344 0.19 22.84 -42.23
C PHE B 344 0.81 22.87 -43.61
N LYS B 345 1.69 21.90 -43.93
CA LYS B 345 2.38 21.76 -45.22
C LYS B 345 1.41 21.45 -46.36
N GLN B 346 0.49 20.48 -46.15
CA GLN B 346 -0.51 20.09 -47.15
C GLN B 346 -1.58 21.17 -47.36
N THR B 347 -1.80 22.03 -46.32
CA THR B 347 -2.75 23.14 -46.36
C THR B 347 -2.20 24.25 -47.27
N ILE B 348 -0.90 24.60 -47.12
CA ILE B 348 -0.22 25.60 -47.94
C ILE B 348 -0.11 25.10 -49.39
N ALA B 349 0.40 23.87 -49.59
CA ALA B 349 0.56 23.22 -50.91
C ALA B 349 -0.78 23.05 -51.64
N GLY B 350 -1.84 22.75 -50.88
CA GLY B 350 -3.20 22.58 -51.40
C GLY B 350 -3.82 23.87 -51.89
N ASP B 351 -3.51 24.99 -51.20
CA ASP B 351 -4.00 26.33 -51.55
C ASP B 351 -3.30 26.90 -52.78
N PHE B 352 -2.01 26.54 -53.00
CA PHE B 352 -1.24 26.99 -54.15
C PHE B 352 -1.59 26.23 -55.43
N GLU B 353 -2.19 25.03 -55.28
CA GLU B 353 -2.66 24.20 -56.39
C GLU B 353 -4.02 24.74 -56.85
N TYR B 354 -4.74 25.42 -55.94
CA TYR B 354 -6.04 26.07 -56.16
C TYR B 354 -5.87 27.36 -56.99
N PHE B 355 -4.73 28.08 -56.80
CA PHE B 355 -4.43 29.32 -57.54
C PHE B 355 -4.10 29.02 -59.00
N LEU B 356 -3.47 27.85 -59.26
CA LEU B 356 -3.12 27.38 -60.61
C LEU B 356 -4.38 26.96 -61.36
N ASN B 357 -5.41 26.48 -60.63
CA ASN B 357 -6.71 26.05 -61.15
C ASN B 357 -7.55 27.25 -61.61
N LEU B 358 -7.36 28.43 -60.97
CA LEU B 358 -8.07 29.68 -61.28
C LEU B 358 -7.74 30.19 -62.69
N ASN B 359 -6.48 30.03 -63.13
CA ASN B 359 -6.00 30.44 -64.46
C ASN B 359 -4.96 29.45 -64.99
#